data_2P4E
#
_entry.id   2P4E
#
_cell.length_a   62.810
_cell.length_b   70.670
_cell.length_c   150.020
_cell.angle_alpha   90.00
_cell.angle_beta   90.00
_cell.angle_gamma   90.00
#
_symmetry.space_group_name_H-M   'P 21 21 21'
#
loop_
_entity.id
_entity.type
_entity.pdbx_description
1 polymer 'Proprotein convertase subtilisin/kexin type 9'
2 non-polymer 'MERCURY (II) ION'
3 water water
#
_entity_poly.entity_id   1
_entity_poly.type   'polypeptide(L)'
_entity_poly.pdbx_seq_one_letter_code
;MGTVSSRRSWWPLPLLLLLLLLLGPAGARAQEDEDGDYEELVLALRSEEDGLAEAPEHGTTATFHRCAKDPWRLPGTYVV
VLKEETHLSQSERTARRLQAQAARRGYLTKILHVFHGLLPGFLVKMSGDLLELALKLPHVDYIEEDSSVFAQSIPWNLER
ITPPRYRADEYQPPDGGSLVEVYLLDTSIQSDHREIEGRVMVTDFENVPEEDGTRFHRQASKCDSHGTHLAGVVSGRDAG
VAKGASMRSLRVLNCQGKGTVSGTLIGLEFIRKSQLVQPVGPLVVLLPLAGGYSRVLNAACQRLARAGVVLVTAAGNFRD
DACLYSPASAPEVITVGATNAQDQPVTLGTLGTNFGRCVDLFAPGEDIIGASSDCSTCFVSQSGTSQAAAHVAGIAAMML
SAEPELTLAELRQRLIHFSAKDVINEAWFPEDQRVLTPNLVAALPPSTHGAGWQLFCRTVWSAHSGPTRMATAIARCAPD
EELLSCSSFSRSGKRRGERMEAQGGKLVCRAHNAFGGEGVYAIARCCLLPQANCSVHTAPPAEASMGTRVHCHQQGHVLT
GCSSHWEVEDLGTHKPPVLRPRGQPNQCVGHREASIHASCCHAPGLECKVKEHGIPAPQEQVTVACEEGWTLTGCSALPG
TSHVLGAYAVDNTCVVRSRDVSTTGSTSEEAVTAVAICCRSRHLAQASQELQ
;
_entity_poly.pdbx_strand_id   P,A
#
loop_
_chem_comp.id
_chem_comp.type
_chem_comp.name
_chem_comp.formula
HG non-polymer 'MERCURY (II) ION' 'Hg 2'
#
# COMPACT_ATOMS: atom_id res chain seq x y z
N THR A 61 18.35 21.71 -3.35
CA THR A 61 17.88 22.67 -2.29
C THR A 61 16.89 22.04 -1.27
N ALA A 62 17.32 22.02 -0.01
CA ALA A 62 16.72 21.23 1.04
C ALA A 62 15.43 21.84 1.56
N THR A 63 14.49 20.98 1.96
CA THR A 63 13.17 21.41 2.44
C THR A 63 12.93 20.98 3.89
N PHE A 64 11.99 21.64 4.57
CA PHE A 64 11.60 21.38 5.93
C PHE A 64 10.15 20.88 6.04
N HIS A 65 9.90 19.94 6.95
CA HIS A 65 8.59 19.32 7.06
C HIS A 65 8.29 19.09 8.52
N ARG A 66 7.06 19.40 8.93
CA ARG A 66 6.59 19.03 10.27
C ARG A 66 5.15 18.55 10.21
N CYS A 67 4.74 17.85 11.26
CA CYS A 67 3.43 17.23 11.31
C CYS A 67 2.36 18.28 11.16
N ALA A 68 1.40 18.01 10.29
CA ALA A 68 0.25 18.91 10.12
C ALA A 68 -0.72 18.81 11.29
N LYS A 69 -0.68 17.68 11.99
CA LYS A 69 -1.49 17.48 13.19
C LYS A 69 -0.70 18.06 14.37
N ASP A 70 -1.00 19.32 14.68
CA ASP A 70 -0.20 20.10 15.63
C ASP A 70 -0.02 19.47 17.01
N PRO A 71 -1.07 18.84 17.58
CA PRO A 71 -0.83 18.14 18.86
C PRO A 71 0.13 16.93 18.77
N TRP A 72 0.46 16.49 17.56
CA TRP A 72 1.36 15.33 17.42
C TRP A 72 2.82 15.69 17.17
N ARG A 73 3.08 16.99 17.00
CA ARG A 73 4.44 17.45 16.80
C ARG A 73 5.24 17.32 18.07
N LEU A 74 6.56 17.15 17.90
CA LEU A 74 7.53 17.12 18.99
C LEU A 74 8.68 18.08 18.67
N PRO A 75 8.44 19.39 18.79
CA PRO A 75 9.50 20.33 18.41
C PRO A 75 10.75 20.20 19.31
N GLY A 76 11.89 20.62 18.80
CA GLY A 76 13.13 20.56 19.57
C GLY A 76 14.00 19.38 19.20
N THR A 77 13.46 18.41 18.47
CA THR A 77 14.25 17.31 17.92
C THR A 77 13.97 17.16 16.42
N TYR A 78 15.03 17.07 15.62
CA TYR A 78 14.91 17.01 14.16
C TYR A 78 15.68 15.87 13.51
N VAL A 79 15.04 15.21 12.54
CA VAL A 79 15.74 14.24 11.70
C VAL A 79 16.31 14.93 10.45
N VAL A 80 17.64 14.99 10.35
CA VAL A 80 18.29 15.55 9.17
C VAL A 80 18.57 14.41 8.21
N VAL A 81 17.93 14.45 7.04
CA VAL A 81 18.10 13.42 6.01
C VAL A 81 19.01 13.92 4.91
N LEU A 82 20.08 13.16 4.68
CA LEU A 82 21.08 13.52 3.71
C LEU A 82 20.78 12.80 2.40
N LYS A 83 21.40 13.25 1.32
CA LYS A 83 21.14 12.67 0.00
C LYS A 83 21.54 11.19 -0.07
N GLU A 84 20.80 10.45 -0.87
CA GLU A 84 20.81 8.98 -0.92
C GLU A 84 22.21 8.32 -0.81
N GLU A 85 23.18 8.85 -1.53
CA GLU A 85 24.50 8.20 -1.58
C GLU A 85 25.52 8.70 -0.53
N THR A 86 25.07 9.55 0.40
CA THR A 86 25.97 10.08 1.41
C THR A 86 26.52 8.94 2.29
N HIS A 87 27.84 8.98 2.52
CA HIS A 87 28.52 7.94 3.28
C HIS A 87 28.43 8.28 4.76
N LEU A 88 28.42 7.25 5.62
CA LEU A 88 28.47 7.44 7.07
C LEU A 88 29.47 8.49 7.59
N SER A 89 30.69 8.49 7.02
CA SER A 89 31.72 9.44 7.41
C SER A 89 31.28 10.87 7.09
N GLN A 90 30.59 11.02 5.95
CA GLN A 90 30.06 12.34 5.56
C GLN A 90 28.92 12.77 6.49
N SER A 91 28.04 11.84 6.86
CA SER A 91 26.97 12.12 7.84
C SER A 91 27.51 12.60 9.19
N GLU A 92 28.56 11.94 9.68
CA GLU A 92 29.10 12.32 10.98
C GLU A 92 29.74 13.70 10.92
N ARG A 93 30.51 13.95 9.86
CA ARG A 93 31.16 15.25 9.69
C ARG A 93 30.14 16.40 9.52
N THR A 94 29.06 16.13 8.81
CA THR A 94 27.96 17.12 8.69
C THR A 94 27.33 17.42 10.04
N ALA A 95 27.12 16.38 10.85
CA ALA A 95 26.58 16.56 12.18
C ALA A 95 27.47 17.40 13.06
N ARG A 96 28.78 17.13 13.04
CA ARG A 96 29.72 17.91 13.85
C ARG A 96 29.84 19.33 13.33
N ARG A 97 29.74 19.51 12.03
CA ARG A 97 29.72 20.85 11.43
C ARG A 97 28.51 21.67 11.94
N LEU A 98 27.32 21.09 11.92
CA LEU A 98 26.15 21.70 12.53
C LEU A 98 26.43 22.16 13.96
N GLN A 99 26.96 21.25 14.79
CA GLN A 99 27.20 21.55 16.20
C GLN A 99 28.16 22.70 16.40
N ALA A 100 29.21 22.76 15.57
CA ALA A 100 30.22 23.79 15.67
C ALA A 100 29.66 25.13 15.22
N GLN A 101 28.92 25.14 14.11
CA GLN A 101 28.27 26.34 13.61
C GLN A 101 27.22 26.86 14.58
N ALA A 102 26.52 25.94 15.22
CA ALA A 102 25.57 26.28 16.26
C ALA A 102 26.26 26.92 17.47
N ALA A 103 27.35 26.30 17.93
CA ALA A 103 28.08 26.73 19.12
C ALA A 103 28.63 28.13 18.96
N ARG A 104 29.15 28.42 17.77
CA ARG A 104 29.59 29.74 17.37
C ARG A 104 28.47 30.78 17.56
N ARG A 105 27.22 30.37 17.37
CA ARG A 105 26.08 31.29 17.51
C ARG A 105 25.46 31.30 18.91
N GLY A 106 26.04 30.53 19.83
CA GLY A 106 25.58 30.52 21.21
C GLY A 106 24.55 29.45 21.55
N TYR A 107 24.41 28.45 20.68
CA TYR A 107 23.40 27.42 20.83
C TYR A 107 23.99 26.07 21.18
N LEU A 108 23.40 25.45 22.20
CA LEU A 108 23.69 24.08 22.62
C LEU A 108 23.00 23.13 21.64
N THR A 109 23.66 22.02 21.28
CA THR A 109 23.02 20.95 20.49
C THR A 109 23.46 19.57 20.96
N LYS A 110 22.65 18.55 20.69
CA LYS A 110 23.04 17.19 20.98
C LYS A 110 22.71 16.30 19.77
N ILE A 111 23.71 15.55 19.32
CA ILE A 111 23.51 14.56 18.28
C ILE A 111 23.08 13.28 18.97
N LEU A 112 21.82 12.92 18.77
CA LEU A 112 21.25 11.77 19.46
C LEU A 112 21.55 10.43 18.79
N HIS A 113 21.79 10.46 17.49
CA HIS A 113 21.94 9.24 16.68
C HIS A 113 22.43 9.67 15.31
N VAL A 114 23.28 8.85 14.68
CA VAL A 114 23.65 8.98 13.28
C VAL A 114 23.10 7.75 12.57
N PHE A 115 22.33 7.99 11.49
CA PHE A 115 21.71 6.92 10.73
C PHE A 115 22.60 6.49 9.59
N HIS A 116 22.65 5.18 9.36
CA HIS A 116 23.15 4.69 8.08
C HIS A 116 22.62 3.28 7.94
N GLY A 117 22.36 2.84 6.71
CA GLY A 117 21.86 1.49 6.50
C GLY A 117 20.53 1.45 5.78
N LEU A 118 19.66 2.40 6.10
CA LEU A 118 18.45 2.63 5.31
C LEU A 118 18.51 4.03 4.71
N LEU A 119 18.59 5.03 5.58
CA LEU A 119 18.70 6.44 5.17
C LEU A 119 19.94 6.99 5.85
N PRO A 120 20.74 7.79 5.14
CA PRO A 120 21.82 8.53 5.78
C PRO A 120 21.33 9.80 6.47
N GLY A 121 21.94 10.15 7.60
CA GLY A 121 21.62 11.41 8.25
C GLY A 121 21.83 11.33 9.73
N PHE A 122 21.12 12.17 10.47
CA PHE A 122 21.24 12.18 11.92
C PHE A 122 20.03 12.76 12.65
N LEU A 123 19.96 12.45 13.93
CA LEU A 123 18.94 13.01 14.82
C LEU A 123 19.60 13.99 15.77
N VAL A 124 19.05 15.19 15.83
CA VAL A 124 19.63 16.30 16.59
C VAL A 124 18.60 16.98 17.47
N LYS A 125 19.02 17.26 18.70
CA LYS A 125 18.26 18.01 19.68
C LYS A 125 18.84 19.40 19.64
N MET A 126 18.02 20.35 19.21
CA MET A 126 18.43 21.71 18.97
C MET A 126 17.21 22.60 18.86
N SER A 127 17.44 23.89 19.03
CA SER A 127 16.42 24.91 18.82
C SER A 127 16.08 25.02 17.32
N GLY A 128 14.81 25.21 17.01
CA GLY A 128 14.34 25.42 15.64
C GLY A 128 14.96 26.62 14.95
N ASP A 129 15.46 27.59 15.73
CA ASP A 129 16.16 28.74 15.18
C ASP A 129 17.30 28.34 14.23
N LEU A 130 17.84 27.14 14.41
CA LEU A 130 19.00 26.71 13.62
C LEU A 130 18.60 26.04 12.33
N LEU A 131 17.31 26.02 12.02
CA LEU A 131 16.82 25.29 10.86
C LEU A 131 17.32 25.85 9.55
N GLU A 132 17.29 27.17 9.36
CA GLU A 132 17.82 27.69 8.09
C GLU A 132 19.32 27.43 7.94
N LEU A 133 20.07 27.52 9.04
CA LEU A 133 21.48 27.13 9.03
C LEU A 133 21.66 25.65 8.60
N ALA A 134 20.93 24.75 9.26
CA ALA A 134 21.02 23.32 8.99
C ALA A 134 20.62 22.95 7.55
N LEU A 135 19.64 23.65 6.99
CA LEU A 135 19.23 23.37 5.62
C LEU A 135 20.29 23.74 4.58
N LYS A 136 21.26 24.55 4.99
CA LYS A 136 22.34 24.99 4.11
C LYS A 136 23.59 24.10 4.19
N LEU A 137 23.60 23.13 5.12
CA LEU A 137 24.71 22.18 5.26
C LEU A 137 24.87 21.29 4.01
N PRO A 138 26.12 20.87 3.72
CA PRO A 138 26.38 19.98 2.59
C PRO A 138 25.60 18.68 2.77
N HIS A 139 25.17 18.09 1.66
CA HIS A 139 24.53 16.77 1.64
C HIS A 139 23.06 16.73 2.08
N VAL A 140 22.57 17.80 2.70
CA VAL A 140 21.18 17.79 3.23
C VAL A 140 20.15 17.65 2.12
N ASP A 141 19.21 16.74 2.32
CA ASP A 141 18.14 16.49 1.38
C ASP A 141 16.88 17.15 1.95
N TYR A 142 16.52 16.77 3.17
CA TYR A 142 15.46 17.47 3.88
C TYR A 142 15.61 17.29 5.37
N ILE A 143 14.80 18.03 6.13
CA ILE A 143 14.77 17.95 7.58
C ILE A 143 13.33 17.79 8.04
N GLU A 144 13.10 16.82 8.92
CA GLU A 144 11.77 16.58 9.48
C GLU A 144 11.77 16.74 11.00
N GLU A 145 10.85 17.58 11.49
CA GLU A 145 10.66 17.69 12.93
C GLU A 145 10.11 16.35 13.45
N ASP A 146 10.60 15.89 14.60
CA ASP A 146 10.08 14.62 15.18
C ASP A 146 8.57 14.72 15.50
N SER A 147 7.86 13.59 15.48
CA SER A 147 6.45 13.58 15.84
C SER A 147 6.06 12.25 16.45
N SER A 148 4.85 12.19 17.01
CA SER A 148 4.37 11.04 17.76
C SER A 148 3.78 9.98 16.85
N VAL A 149 3.94 8.71 17.26
CA VAL A 149 3.21 7.59 16.66
C VAL A 149 2.47 6.89 17.81
N PHE A 150 1.42 6.15 17.47
CA PHE A 150 0.50 5.58 18.47
C PHE A 150 0.09 4.15 18.13
N ALA A 151 0.00 3.31 19.15
CA ALA A 151 -0.52 1.95 19.05
C ALA A 151 -1.91 2.01 18.44
N GLN A 152 -2.20 1.12 17.50
CA GLN A 152 -3.50 1.07 16.83
C GLN A 152 -4.33 -0.17 17.22
N SER B 153 -16.08 -23.25 18.52
CA SER B 153 -14.93 -23.15 19.48
C SER B 153 -13.69 -22.44 18.91
N ILE B 154 -13.44 -22.58 17.59
CA ILE B 154 -12.39 -21.82 16.91
C ILE B 154 -12.79 -20.32 17.00
N PRO B 155 -11.85 -19.43 17.40
CA PRO B 155 -12.15 -17.98 17.37
C PRO B 155 -12.65 -17.55 15.99
N TRP B 156 -13.66 -16.69 15.93
CA TRP B 156 -14.29 -16.34 14.66
C TRP B 156 -13.28 -15.91 13.58
N ASN B 157 -12.23 -15.20 14.01
CA ASN B 157 -11.25 -14.57 13.11
C ASN B 157 -10.32 -15.59 12.46
N LEU B 158 -10.01 -16.65 13.20
CA LEU B 158 -9.23 -17.77 12.67
C LEU B 158 -10.03 -18.60 11.67
N GLU B 159 -11.32 -18.80 11.95
CA GLU B 159 -12.21 -19.39 10.96
C GLU B 159 -12.35 -18.52 9.69
N ARG B 160 -12.54 -17.22 9.89
CA ARG B 160 -12.73 -16.29 8.77
C ARG B 160 -11.58 -16.32 7.74
N ILE B 161 -10.34 -16.43 8.20
CA ILE B 161 -9.17 -16.52 7.31
C ILE B 161 -8.89 -17.93 6.76
N THR B 162 -9.64 -18.91 7.23
CA THR B 162 -9.50 -20.30 6.77
C THR B 162 -10.14 -20.41 5.38
N PRO B 163 -9.38 -20.92 4.41
CA PRO B 163 -9.87 -21.01 3.03
C PRO B 163 -10.92 -22.12 2.86
N PRO B 164 -11.68 -22.08 1.75
CA PRO B 164 -12.71 -23.08 1.50
C PRO B 164 -12.19 -24.53 1.33
N ARG B 165 -10.88 -24.70 1.14
CA ARG B 165 -10.24 -26.01 1.17
C ARG B 165 -8.89 -25.94 1.87
N TYR B 166 -8.66 -26.80 2.85
CA TYR B 166 -7.44 -26.72 3.66
C TYR B 166 -7.04 -28.06 4.29
N ARG B 167 -5.81 -28.10 4.82
CA ARG B 167 -5.28 -29.25 5.53
C ARG B 167 -5.26 -29.03 7.04
N ALA B 168 -5.60 -30.06 7.80
CA ALA B 168 -5.44 -30.01 9.26
C ALA B 168 -3.96 -29.97 9.64
N GLY B 176 2.96 -22.88 10.85
CA GLY B 176 3.26 -21.45 10.72
C GLY B 176 4.29 -21.12 9.65
N GLY B 177 5.08 -20.09 9.93
CA GLY B 177 6.20 -19.69 9.07
C GLY B 177 7.51 -19.97 9.78
N SER B 178 8.07 -21.16 9.56
CA SER B 178 9.20 -21.64 10.38
C SER B 178 10.58 -21.15 9.90
N LEU B 179 10.75 -21.01 8.58
CA LEU B 179 11.98 -20.42 8.05
C LEU B 179 11.89 -18.87 7.92
N VAL B 180 10.74 -18.33 8.32
CA VAL B 180 10.43 -16.90 8.30
C VAL B 180 10.64 -16.33 9.69
N GLU B 181 11.13 -15.10 9.77
CA GLU B 181 11.07 -14.37 11.02
C GLU B 181 10.11 -13.19 10.91
N VAL B 182 9.36 -12.97 11.98
CA VAL B 182 8.44 -11.83 12.07
C VAL B 182 8.96 -10.86 13.12
N TYR B 183 9.28 -9.65 12.72
CA TYR B 183 9.67 -8.63 13.67
C TYR B 183 8.47 -7.81 14.13
N LEU B 184 8.38 -7.56 15.43
CA LEU B 184 7.32 -6.71 15.98
C LEU B 184 7.87 -5.44 16.64
N LEU B 185 7.44 -4.27 16.13
CA LEU B 185 7.80 -3.00 16.76
C LEU B 185 6.58 -2.47 17.49
N ASP B 186 6.60 -2.54 18.82
CA ASP B 186 5.39 -2.25 19.59
C ASP B 186 5.75 -1.89 21.04
N THR B 187 4.83 -2.15 21.97
CA THR B 187 5.10 -1.96 23.40
C THR B 187 5.99 -3.10 23.88
N SER B 188 6.34 -3.09 25.16
CA SER B 188 7.05 -4.23 25.73
C SER B 188 6.11 -5.44 25.70
N ILE B 189 6.67 -6.63 25.85
CA ILE B 189 5.85 -7.80 25.80
C ILE B 189 6.16 -8.74 26.98
N GLN B 190 5.16 -9.52 27.35
CA GLN B 190 5.33 -10.54 28.37
C GLN B 190 5.75 -11.84 27.68
N SER B 191 7.06 -11.99 27.47
CA SER B 191 7.62 -13.07 26.64
C SER B 191 7.45 -14.47 27.23
N ASP B 192 7.10 -14.55 28.51
CA ASP B 192 6.90 -15.83 29.18
C ASP B 192 5.43 -16.29 29.20
N HIS B 193 4.54 -15.54 28.53
CA HIS B 193 3.16 -15.99 28.40
C HIS B 193 3.16 -17.32 27.67
N ARG B 194 2.30 -18.25 28.10
CA ARG B 194 2.25 -19.60 27.50
C ARG B 194 1.92 -19.63 26.01
N GLU B 195 1.20 -18.62 25.53
CA GLU B 195 0.89 -18.51 24.10
C GLU B 195 2.14 -18.40 23.23
N ILE B 196 3.14 -17.71 23.75
CA ILE B 196 4.26 -17.24 22.93
C ILE B 196 5.63 -17.59 23.53
N GLU B 197 5.63 -18.12 24.75
CA GLU B 197 6.86 -18.54 25.44
C GLU B 197 7.72 -19.44 24.54
N GLY B 198 8.98 -19.06 24.41
CA GLY B 198 9.95 -19.85 23.64
C GLY B 198 9.95 -19.54 22.16
N ARG B 199 8.95 -18.81 21.68
CA ARG B 199 8.82 -18.52 20.26
C ARG B 199 9.12 -17.05 19.91
N VAL B 200 8.99 -16.16 20.90
CA VAL B 200 9.33 -14.74 20.76
C VAL B 200 10.63 -14.41 21.49
N MET B 201 11.60 -13.85 20.78
CA MET B 201 12.79 -13.33 21.39
C MET B 201 12.68 -11.82 21.59
N VAL B 202 12.91 -11.37 22.82
CA VAL B 202 12.96 -9.94 23.10
C VAL B 202 14.36 -9.39 22.81
N THR B 203 14.45 -8.51 21.80
CA THR B 203 15.74 -7.95 21.39
C THR B 203 16.30 -7.02 22.46
N ASP B 204 15.40 -6.48 23.29
CA ASP B 204 15.73 -5.44 24.26
C ASP B 204 16.22 -4.13 23.62
N PHE B 205 16.02 -4.00 22.30
CA PHE B 205 16.05 -2.65 21.73
C PHE B 205 14.87 -1.89 22.29
N GLU B 206 15.13 -0.66 22.72
CA GLU B 206 14.13 0.19 23.35
C GLU B 206 14.39 1.59 22.90
N ASN B 207 13.38 2.24 22.32
CA ASN B 207 13.48 3.69 22.07
C ASN B 207 12.11 4.30 22.19
N VAL B 208 11.86 4.92 23.34
CA VAL B 208 10.51 5.33 23.74
C VAL B 208 10.52 6.69 24.44
N PRO B 209 9.48 7.53 24.21
CA PRO B 209 9.42 8.83 24.89
C PRO B 209 8.97 8.63 26.35
N GLU B 210 9.25 9.61 27.20
CA GLU B 210 8.80 9.55 28.60
C GLU B 210 7.28 9.53 28.66
N GLU B 211 6.73 8.85 29.67
CA GLU B 211 5.29 8.83 29.90
C GLU B 211 4.79 10.24 30.29
N ASP B 212 3.53 10.53 29.98
CA ASP B 212 2.98 11.87 30.17
C ASP B 212 2.60 12.15 31.62
N GLN B 219 2.73 -1.28 37.03
CA GLN B 219 2.64 -0.89 35.63
C GLN B 219 2.69 -2.09 34.67
N ALA B 220 3.56 -3.07 34.95
CA ALA B 220 3.93 -4.12 34.01
C ALA B 220 2.80 -4.75 33.17
N SER B 221 1.70 -5.14 33.82
CA SER B 221 0.55 -5.71 33.11
C SER B 221 -0.23 -4.74 32.20
N LYS B 222 -0.15 -3.44 32.45
CA LYS B 222 -0.72 -2.49 31.50
C LYS B 222 0.26 -2.16 30.37
N CYS B 223 1.53 -1.95 30.74
CA CYS B 223 2.60 -1.64 29.80
C CYS B 223 2.69 -2.62 28.64
N ASP B 224 2.60 -3.92 28.92
CA ASP B 224 2.80 -4.96 27.89
C ASP B 224 1.54 -5.40 27.20
N SER B 225 0.42 -4.74 27.48
CA SER B 225 -0.85 -5.25 27.01
C SER B 225 -0.93 -5.36 25.47
N HIS B 226 -0.59 -4.27 24.79
CA HIS B 226 -0.80 -4.22 23.33
C HIS B 226 0.14 -5.19 22.60
N GLY B 227 1.45 -5.08 22.88
CA GLY B 227 2.43 -5.98 22.26
C GLY B 227 2.20 -7.46 22.50
N THR B 228 1.87 -7.82 23.73
CA THR B 228 1.64 -9.23 24.06
C THR B 228 0.47 -9.80 23.28
N HIS B 229 -0.62 -9.03 23.19
CA HIS B 229 -1.76 -9.53 22.43
C HIS B 229 -1.39 -9.76 20.95
N LEU B 230 -0.64 -8.83 20.37
CA LEU B 230 -0.28 -8.92 18.94
C LEU B 230 0.69 -10.06 18.64
N ALA B 231 1.68 -10.26 19.50
CA ALA B 231 2.56 -11.44 19.37
C ALA B 231 1.76 -12.72 19.38
N GLY B 232 0.72 -12.77 20.21
CA GLY B 232 -0.20 -13.91 20.27
C GLY B 232 -1.10 -14.09 19.10
N VAL B 233 -1.63 -12.98 18.55
CA VAL B 233 -2.32 -13.05 17.26
C VAL B 233 -1.45 -13.62 16.11
N VAL B 234 -0.22 -13.13 16.00
CA VAL B 234 0.66 -13.62 14.93
C VAL B 234 0.98 -15.10 15.15
N SER B 235 1.42 -15.44 16.36
CA SER B 235 2.11 -16.72 16.57
C SER B 235 1.69 -17.54 17.80
N GLY B 236 0.61 -17.17 18.48
CA GLY B 236 0.20 -17.87 19.70
C GLY B 236 -0.12 -19.35 19.49
N ARG B 237 0.33 -20.18 20.45
CA ARG B 237 0.10 -21.64 20.42
C ARG B 237 -1.35 -22.01 20.13
N ASP B 238 -2.28 -21.37 20.84
CA ASP B 238 -3.69 -21.76 20.73
C ASP B 238 -4.57 -20.86 19.87
N ALA B 239 -4.25 -19.56 19.81
CA ALA B 239 -5.11 -18.59 19.13
C ALA B 239 -4.39 -17.77 18.06
N GLY B 240 -3.19 -18.21 17.68
CA GLY B 240 -2.39 -17.53 16.66
C GLY B 240 -2.71 -17.93 15.23
N VAL B 241 -2.32 -17.06 14.30
CA VAL B 241 -2.51 -17.28 12.87
C VAL B 241 -1.44 -18.22 12.35
N ALA B 242 -0.20 -17.96 12.72
CA ALA B 242 0.91 -18.76 12.27
C ALA B 242 1.49 -19.43 13.51
N LYS B 243 0.81 -20.46 14.00
CA LYS B 243 1.09 -21.01 15.35
C LYS B 243 2.57 -21.36 15.56
N GLY B 244 3.24 -21.83 14.51
CA GLY B 244 4.69 -22.09 14.57
C GLY B 244 5.59 -20.88 14.80
N ALA B 245 5.39 -19.86 13.94
CA ALA B 245 6.31 -18.74 13.66
C ALA B 245 7.18 -18.13 14.77
N SER B 246 8.44 -17.85 14.39
CA SER B 246 9.41 -17.15 15.23
C SER B 246 9.26 -15.64 15.14
N MET B 247 9.43 -14.97 16.27
CA MET B 247 9.23 -13.54 16.34
C MET B 247 10.37 -12.92 17.07
N ARG B 248 10.65 -11.66 16.74
CA ARG B 248 11.58 -10.84 17.50
C ARG B 248 10.92 -9.49 17.77
N SER B 249 10.96 -9.03 19.02
CA SER B 249 10.27 -7.80 19.39
C SER B 249 11.21 -6.68 19.72
N LEU B 250 10.83 -5.49 19.27
CA LEU B 250 11.55 -4.23 19.53
C LEU B 250 10.58 -3.28 20.23
N ARG B 251 11.05 -2.57 21.24
CA ARG B 251 10.12 -1.70 21.96
C ARG B 251 10.25 -0.28 21.42
N VAL B 252 9.19 0.20 20.75
CA VAL B 252 9.14 1.59 20.25
C VAL B 252 7.94 2.40 20.78
N LEU B 253 7.06 1.72 21.53
CA LEU B 253 5.91 2.36 22.20
C LEU B 253 6.03 2.25 23.71
N ASN B 254 5.84 3.37 24.41
CA ASN B 254 5.88 3.41 25.86
C ASN B 254 4.65 2.74 26.51
N CYS B 255 4.49 2.90 27.83
CA CYS B 255 3.41 2.26 28.58
C CYS B 255 1.99 2.71 28.22
N GLN B 256 1.89 3.90 27.64
CA GLN B 256 0.62 4.51 27.20
C GLN B 256 0.43 4.34 25.67
N GLY B 257 1.29 3.53 25.05
CA GLY B 257 1.18 3.25 23.62
C GLY B 257 1.68 4.34 22.70
N LYS B 258 2.51 5.25 23.22
CA LYS B 258 3.06 6.37 22.45
C LYS B 258 4.55 6.20 22.12
N GLY B 259 4.90 6.56 20.89
CA GLY B 259 6.28 6.44 20.42
C GLY B 259 6.59 7.67 19.62
N THR B 260 7.76 7.67 18.99
CA THR B 260 8.15 8.77 18.14
C THR B 260 8.54 8.26 16.75
N VAL B 261 8.47 9.13 15.76
CA VAL B 261 8.97 8.78 14.43
C VAL B 261 10.46 8.40 14.52
N SER B 262 11.25 9.19 15.26
CA SER B 262 12.69 8.91 15.34
C SER B 262 13.00 7.55 15.95
N GLY B 263 12.27 7.17 17.01
CA GLY B 263 12.45 5.90 17.66
C GLY B 263 12.05 4.78 16.74
N THR B 264 10.97 4.96 16.01
CA THR B 264 10.56 4.00 14.99
C THR B 264 11.62 3.81 13.87
N LEU B 265 12.19 4.91 13.39
CA LEU B 265 13.30 4.87 12.42
C LEU B 265 14.52 4.12 12.94
N ILE B 266 14.90 4.41 14.19
CA ILE B 266 16.05 3.75 14.79
C ILE B 266 15.81 2.24 14.92
N GLY B 267 14.59 1.86 15.28
CA GLY B 267 14.17 0.45 15.27
C GLY B 267 14.26 -0.27 13.94
N LEU B 268 13.77 0.38 12.88
CA LEU B 268 13.80 -0.21 11.56
C LEU B 268 15.25 -0.36 11.10
N GLU B 269 16.08 0.64 11.38
CA GLU B 269 17.50 0.53 11.14
C GLU B 269 18.15 -0.65 11.88
N PHE B 270 17.74 -0.87 13.13
CA PHE B 270 18.22 -1.97 13.97
C PHE B 270 17.95 -3.30 13.31
N ILE B 271 16.79 -3.41 12.67
CA ILE B 271 16.40 -4.62 12.00
C ILE B 271 17.27 -4.87 10.78
N ARG B 272 17.46 -3.83 9.95
CA ARG B 272 18.37 -3.93 8.79
C ARG B 272 19.80 -4.33 9.19
N LYS B 273 20.31 -3.71 10.25
CA LYS B 273 21.65 -4.02 10.79
C LYS B 273 21.78 -5.46 11.31
N SER B 274 20.79 -5.94 12.04
CA SER B 274 20.80 -7.33 12.49
C SER B 274 20.92 -8.27 11.29
N GLN B 275 20.06 -8.06 10.29
CA GLN B 275 20.03 -8.84 9.05
C GLN B 275 21.36 -8.90 8.31
N LEU B 276 22.05 -7.77 8.19
CA LEU B 276 23.39 -7.70 7.58
C LEU B 276 24.42 -8.49 8.40
N VAL B 277 24.28 -8.45 9.72
CA VAL B 277 25.24 -9.08 10.63
C VAL B 277 25.01 -10.59 10.74
N GLN B 278 23.75 -11.00 10.75
CA GLN B 278 23.40 -12.40 10.91
C GLN B 278 22.21 -12.70 9.99
N PRO B 279 22.49 -12.95 8.68
CA PRO B 279 21.51 -13.21 7.63
C PRO B 279 20.62 -14.38 8.02
N VAL B 280 19.32 -14.25 7.77
CA VAL B 280 18.39 -15.35 7.93
C VAL B 280 17.56 -15.48 6.66
N GLY B 281 16.31 -15.90 6.77
CA GLY B 281 15.51 -16.09 5.54
C GLY B 281 14.59 -14.91 5.31
N PRO B 282 13.40 -15.17 4.73
CA PRO B 282 12.44 -14.07 4.57
C PRO B 282 12.12 -13.38 5.90
N LEU B 283 12.01 -12.05 5.87
CA LEU B 283 11.64 -11.26 7.04
C LEU B 283 10.29 -10.56 6.83
N VAL B 284 9.40 -10.65 7.83
CA VAL B 284 8.18 -9.84 7.86
C VAL B 284 8.27 -8.87 9.03
N VAL B 285 8.02 -7.59 8.78
CA VAL B 285 8.09 -6.58 9.82
C VAL B 285 6.67 -6.08 10.04
N LEU B 286 6.17 -6.29 11.25
CA LEU B 286 4.86 -5.79 11.69
C LEU B 286 4.98 -4.46 12.44
N LEU B 287 4.30 -3.46 11.89
CA LEU B 287 4.22 -2.08 12.42
C LEU B 287 2.78 -1.74 12.80
N PRO B 288 2.39 -2.06 14.04
CA PRO B 288 1.00 -1.90 14.47
C PRO B 288 0.80 -0.53 15.11
N LEU B 289 1.13 0.51 14.36
CA LEU B 289 1.23 1.87 14.86
C LEU B 289 1.01 2.86 13.73
N ALA B 290 0.77 4.13 14.08
CA ALA B 290 0.48 5.17 13.08
C ALA B 290 0.69 6.53 13.70
N GLY B 291 1.15 7.46 12.88
CA GLY B 291 1.17 8.88 13.21
C GLY B 291 0.76 9.61 11.95
N GLY B 292 1.01 10.91 11.89
CA GLY B 292 0.65 11.69 10.71
C GLY B 292 1.60 11.37 9.57
N TYR B 293 1.26 11.83 8.36
CA TYR B 293 2.14 11.61 7.21
C TYR B 293 3.57 12.01 7.54
N SER B 294 4.49 11.08 7.31
CA SER B 294 5.89 11.33 7.55
C SER B 294 6.67 10.99 6.29
N ARG B 295 7.28 12.02 5.72
CA ARG B 295 8.20 11.80 4.59
C ARG B 295 9.30 10.80 4.94
N VAL B 296 9.91 10.98 6.11
CA VAL B 296 11.07 10.17 6.48
C VAL B 296 10.68 8.73 6.84
N LEU B 297 9.59 8.54 7.59
CA LEU B 297 9.18 7.17 7.89
C LEU B 297 8.81 6.44 6.61
N ASN B 298 8.12 7.13 5.70
CA ASN B 298 7.71 6.51 4.44
C ASN B 298 8.93 6.09 3.63
N ALA B 299 9.94 6.96 3.60
CA ALA B 299 11.18 6.67 2.84
C ALA B 299 11.95 5.49 3.44
N ALA B 300 11.99 5.41 4.77
CA ALA B 300 12.70 4.32 5.47
C ALA B 300 12.00 2.99 5.21
N CYS B 301 10.66 3.03 5.29
CA CYS B 301 9.82 1.90 4.89
C CYS B 301 10.09 1.47 3.45
N GLN B 302 10.11 2.43 2.52
CA GLN B 302 10.35 2.11 1.12
C GLN B 302 11.72 1.47 0.90
N ARG B 303 12.75 2.04 1.55
CA ARG B 303 14.10 1.50 1.45
C ARG B 303 14.24 0.11 2.05
N LEU B 304 13.56 -0.13 3.17
CA LEU B 304 13.58 -1.46 3.76
C LEU B 304 12.87 -2.46 2.83
N ALA B 305 11.78 -2.04 2.19
CA ALA B 305 11.06 -2.95 1.29
C ALA B 305 11.84 -3.20 0.02
N ARG B 306 12.53 -2.18 -0.48
CA ARG B 306 13.32 -2.32 -1.70
C ARG B 306 14.53 -3.25 -1.49
N ALA B 307 14.93 -3.36 -0.22
CA ALA B 307 15.98 -4.25 0.20
C ALA B 307 15.52 -5.70 0.41
N GLY B 308 14.25 -6.00 0.12
CA GLY B 308 13.70 -7.37 0.20
C GLY B 308 12.86 -7.74 1.42
N VAL B 309 12.61 -6.81 2.33
CA VAL B 309 11.84 -7.08 3.56
C VAL B 309 10.33 -6.81 3.34
N VAL B 310 9.46 -7.66 3.92
CA VAL B 310 8.01 -7.44 3.82
C VAL B 310 7.50 -6.63 5.02
N LEU B 311 6.93 -5.46 4.74
CA LEU B 311 6.40 -4.60 5.79
C LEU B 311 4.88 -4.67 5.83
N VAL B 312 4.32 -4.94 7.01
CA VAL B 312 2.86 -4.95 7.18
C VAL B 312 2.50 -3.89 8.22
N THR B 313 1.56 -3.00 7.90
CA THR B 313 1.22 -1.92 8.83
C THR B 313 -0.28 -1.79 9.09
N ALA B 314 -0.63 -1.23 10.25
CA ALA B 314 -2.01 -0.91 10.59
C ALA B 314 -2.48 0.25 9.69
N ALA B 315 -3.69 0.17 9.11
CA ALA B 315 -4.24 1.32 8.36
C ALA B 315 -4.47 2.55 9.26
N GLY B 316 -4.66 2.33 10.57
CA GLY B 316 -4.95 3.43 11.52
C GLY B 316 -6.40 3.40 11.95
N ASN B 317 -6.69 3.88 13.15
CA ASN B 317 -8.02 3.79 13.73
C ASN B 317 -8.78 5.12 13.75
N PHE B 318 -8.62 5.93 12.70
CA PHE B 318 -9.14 7.31 12.74
C PHE B 318 -10.38 7.55 11.87
N ARG B 319 -10.94 6.47 11.31
CA ARG B 319 -12.05 6.53 10.36
C ARG B 319 -11.80 7.62 9.31
N ASP B 320 -10.60 7.59 8.70
CA ASP B 320 -10.11 8.64 7.84
C ASP B 320 -9.34 7.99 6.70
N ASP B 321 -8.85 8.82 5.79
CA ASP B 321 -8.09 8.37 4.66
C ASP B 321 -6.71 7.88 5.12
N ALA B 322 -6.41 6.61 4.95
CA ALA B 322 -5.07 6.07 5.37
C ALA B 322 -3.87 6.81 4.74
N CYS B 323 -4.09 7.44 3.58
CA CYS B 323 -3.06 8.24 2.91
C CYS B 323 -2.52 9.43 3.72
N LEU B 324 -3.24 9.82 4.77
CA LEU B 324 -2.81 10.99 5.60
C LEU B 324 -1.98 10.56 6.80
N TYR B 325 -1.64 9.25 6.87
CA TYR B 325 -0.95 8.69 8.05
C TYR B 325 0.24 7.87 7.61
N SER B 326 1.16 7.65 8.53
CA SER B 326 2.35 6.84 8.28
C SER B 326 2.58 5.89 9.45
N PRO B 327 3.13 4.69 9.16
CA PRO B 327 3.58 4.19 7.85
C PRO B 327 2.47 3.69 6.92
N ALA B 328 1.20 3.81 7.31
CA ALA B 328 0.07 3.40 6.46
C ALA B 328 0.16 3.82 4.99
N SER B 329 0.58 5.07 4.74
CA SER B 329 0.64 5.63 3.38
C SER B 329 1.93 5.28 2.61
N ALA B 330 2.88 4.62 3.28
CA ALA B 330 4.20 4.35 2.70
C ALA B 330 4.14 3.50 1.45
N PRO B 331 4.91 3.89 0.39
CA PRO B 331 5.00 3.05 -0.79
C PRO B 331 5.57 1.70 -0.38
N GLU B 332 5.05 0.62 -0.95
CA GLU B 332 5.68 -0.69 -0.81
C GLU B 332 5.44 -1.40 0.51
N VAL B 333 4.52 -0.91 1.33
CA VAL B 333 4.13 -1.64 2.54
C VAL B 333 2.74 -2.19 2.34
N ILE B 334 2.42 -3.24 3.07
CA ILE B 334 1.08 -3.78 3.00
C ILE B 334 0.27 -3.15 4.14
N THR B 335 -0.75 -2.39 3.76
CA THR B 335 -1.52 -1.62 4.75
C THR B 335 -2.88 -2.26 4.98
N VAL B 336 -3.18 -2.54 6.24
CA VAL B 336 -4.34 -3.38 6.57
C VAL B 336 -5.41 -2.66 7.42
N GLY B 337 -6.64 -2.60 6.88
CA GLY B 337 -7.82 -2.13 7.61
C GLY B 337 -8.52 -3.24 8.38
N ALA B 338 -9.46 -2.87 9.26
CA ALA B 338 -10.11 -3.85 10.17
C ALA B 338 -11.57 -4.09 9.83
N THR B 339 -11.97 -5.36 9.72
CA THR B 339 -13.38 -5.72 9.60
C THR B 339 -13.82 -6.56 10.80
N ASN B 340 -15.14 -6.67 10.98
CA ASN B 340 -15.66 -7.42 12.13
C ASN B 340 -16.27 -8.76 11.73
N ALA B 341 -16.95 -9.41 12.66
CA ALA B 341 -17.52 -10.74 12.43
C ALA B 341 -18.55 -10.75 11.31
N GLN B 342 -19.09 -9.58 10.99
CA GLN B 342 -20.05 -9.49 9.88
C GLN B 342 -19.41 -9.01 8.58
N ASP B 343 -18.07 -9.03 8.55
CA ASP B 343 -17.26 -8.57 7.44
C ASP B 343 -17.46 -7.08 7.17
N GLN B 344 -17.85 -6.32 8.20
CA GLN B 344 -18.06 -4.89 8.01
C GLN B 344 -16.93 -4.10 8.66
N PRO B 345 -16.67 -2.87 8.19
CA PRO B 345 -15.54 -2.13 8.77
C PRO B 345 -15.76 -1.84 10.25
N VAL B 346 -14.71 -1.92 11.04
CA VAL B 346 -14.80 -1.80 12.49
C VAL B 346 -14.97 -0.35 12.95
N THR B 347 -16.00 -0.14 13.79
CA THR B 347 -16.21 1.08 14.55
C THR B 347 -15.43 0.98 15.87
N LEU B 348 -14.73 2.04 16.22
CA LEU B 348 -13.95 2.09 17.44
C LEU B 348 -14.27 3.41 18.12
N GLY B 349 -15.16 3.38 19.10
CA GLY B 349 -15.68 4.60 19.71
C GLY B 349 -16.43 5.38 18.66
N THR B 350 -16.07 6.64 18.51
CA THR B 350 -16.65 7.51 17.49
C THR B 350 -15.87 7.44 16.20
N LEU B 351 -14.77 6.67 16.21
CA LEU B 351 -13.96 6.53 14.99
C LEU B 351 -13.99 5.09 14.51
N GLY B 352 -12.87 4.53 14.08
CA GLY B 352 -12.91 3.21 13.46
C GLY B 352 -11.85 3.00 12.40
N THR B 353 -11.92 1.90 11.67
CA THR B 353 -10.89 1.63 10.66
C THR B 353 -10.74 2.77 9.64
N ASN B 354 -9.48 3.11 9.33
CA ASN B 354 -9.15 3.90 8.14
C ASN B 354 -9.52 3.16 6.83
N PHE B 355 -9.52 3.88 5.71
CA PHE B 355 -9.94 3.32 4.42
C PHE B 355 -9.18 4.07 3.30
N GLY B 356 -9.64 3.91 2.06
CA GLY B 356 -9.06 4.60 0.91
C GLY B 356 -8.00 3.84 0.16
N ARG B 357 -7.42 4.50 -0.84
CA ARG B 357 -6.52 3.87 -1.81
C ARG B 357 -5.18 3.37 -1.24
N CYS B 358 -4.78 3.89 -0.07
CA CYS B 358 -3.55 3.39 0.57
C CYS B 358 -3.76 2.10 1.40
N VAL B 359 -5.01 1.66 1.50
CA VAL B 359 -5.30 0.41 2.19
C VAL B 359 -5.27 -0.71 1.16
N ASP B 360 -4.47 -1.75 1.41
CA ASP B 360 -4.36 -2.90 0.50
C ASP B 360 -5.51 -3.90 0.64
N LEU B 361 -5.83 -4.24 1.87
CA LEU B 361 -6.94 -5.12 2.18
C LEU B 361 -7.41 -4.97 3.62
N PHE B 362 -8.51 -5.66 3.94
CA PHE B 362 -9.01 -5.69 5.31
C PHE B 362 -8.79 -7.08 5.88
N ALA B 363 -8.82 -7.16 7.21
CA ALA B 363 -8.65 -8.42 7.93
C ALA B 363 -9.38 -8.33 9.27
N PRO B 364 -9.69 -9.49 9.89
CA PRO B 364 -10.35 -9.43 11.19
C PRO B 364 -9.70 -8.51 12.22
N GLY B 365 -10.46 -7.56 12.75
CA GLY B 365 -9.90 -6.63 13.76
C GLY B 365 -10.88 -6.16 14.81
N GLU B 366 -11.95 -6.92 15.02
CA GLU B 366 -12.84 -6.69 16.15
C GLU B 366 -12.99 -7.93 17.02
N ASP B 367 -12.90 -7.78 18.34
CA ASP B 367 -13.16 -8.92 19.26
C ASP B 367 -12.24 -10.08 18.93
N ILE B 368 -10.94 -9.77 18.96
CA ILE B 368 -9.92 -10.74 18.58
C ILE B 368 -9.28 -11.30 19.83
N ILE B 369 -9.49 -12.58 20.06
CA ILE B 369 -8.96 -13.18 21.29
C ILE B 369 -7.45 -13.42 21.15
N GLY B 370 -6.68 -13.03 22.16
CA GLY B 370 -5.26 -13.36 22.16
C GLY B 370 -4.68 -13.24 23.56
N ALA B 371 -3.39 -13.54 23.67
CA ALA B 371 -2.67 -13.51 24.93
C ALA B 371 -2.85 -12.22 25.70
N SER B 372 -3.23 -12.34 26.97
CA SER B 372 -3.32 -11.21 27.90
C SER B 372 -2.13 -11.13 28.82
N SER B 373 -1.56 -9.93 28.95
CA SER B 373 -0.46 -9.75 29.88
C SER B 373 -0.91 -9.68 31.35
N ASP B 374 -2.21 -9.84 31.62
CA ASP B 374 -2.69 -9.89 33.02
C ASP B 374 -2.06 -11.08 33.78
N CYS B 375 -2.00 -12.24 33.15
CA CYS B 375 -1.38 -13.43 33.73
C CYS B 375 -0.88 -14.32 32.61
N SER B 376 0.02 -15.26 32.92
CA SER B 376 0.70 -16.06 31.88
C SER B 376 -0.18 -17.01 31.08
N THR B 377 -1.38 -17.33 31.56
CA THR B 377 -2.26 -18.16 30.75
C THR B 377 -3.59 -17.45 30.46
N CYS B 378 -3.63 -16.15 30.73
CA CYS B 378 -4.82 -15.34 30.52
C CYS B 378 -5.02 -14.87 29.06
N PHE B 379 -6.28 -14.67 28.65
CA PHE B 379 -6.62 -14.22 27.31
C PHE B 379 -7.51 -12.99 27.39
N VAL B 380 -7.51 -12.20 26.31
CA VAL B 380 -8.30 -10.97 26.23
C VAL B 380 -8.68 -10.72 24.77
N SER B 381 -9.90 -10.24 24.51
CA SER B 381 -10.27 -9.82 23.16
C SER B 381 -9.96 -8.33 22.98
N GLN B 382 -9.33 -8.01 21.86
CA GLN B 382 -9.00 -6.63 21.54
C GLN B 382 -9.43 -6.32 20.11
N SER B 383 -9.54 -5.04 19.79
CA SER B 383 -10.01 -4.56 18.49
C SER B 383 -9.06 -3.47 17.96
N GLY B 384 -8.88 -3.43 16.64
CA GLY B 384 -8.07 -2.34 16.07
C GLY B 384 -7.48 -2.75 14.75
N THR B 385 -6.99 -1.77 14.00
CA THR B 385 -6.21 -2.10 12.78
C THR B 385 -4.85 -2.76 13.12
N SER B 386 -4.34 -2.61 14.36
CA SER B 386 -3.17 -3.42 14.79
C SER B 386 -3.44 -4.94 14.75
N GLN B 387 -4.61 -5.34 15.24
CA GLN B 387 -4.98 -6.77 15.27
C GLN B 387 -5.20 -7.28 13.84
N ALA B 388 -5.87 -6.46 13.01
CA ALA B 388 -6.06 -6.79 11.60
C ALA B 388 -4.69 -7.00 10.91
N ALA B 389 -3.79 -6.07 11.12
CA ALA B 389 -2.45 -6.13 10.51
C ALA B 389 -1.65 -7.34 11.02
N ALA B 390 -1.89 -7.76 12.26
CA ALA B 390 -1.27 -8.97 12.83
C ALA B 390 -1.72 -10.24 12.11
N HIS B 391 -2.99 -10.29 11.72
CA HIS B 391 -3.50 -11.39 10.89
C HIS B 391 -2.77 -11.48 9.56
N VAL B 392 -2.61 -10.34 8.90
CA VAL B 392 -1.90 -10.33 7.62
C VAL B 392 -0.42 -10.66 7.77
N ALA B 393 0.22 -10.22 8.84
CA ALA B 393 1.60 -10.63 9.09
C ALA B 393 1.72 -12.15 9.24
N GLY B 394 0.76 -12.78 9.93
CA GLY B 394 0.75 -14.24 10.11
C GLY B 394 0.46 -14.97 8.80
N ILE B 395 -0.49 -14.46 8.04
CA ILE B 395 -0.76 -14.98 6.68
C ILE B 395 0.47 -14.87 5.76
N ALA B 396 1.14 -13.72 5.78
CA ALA B 396 2.33 -13.50 4.96
C ALA B 396 3.42 -14.49 5.35
N ALA B 397 3.61 -14.68 6.66
CA ALA B 397 4.60 -15.61 7.20
C ALA B 397 4.39 -17.03 6.68
N MET B 398 3.14 -17.48 6.66
CA MET B 398 2.80 -18.81 6.19
C MET B 398 2.96 -18.92 4.69
N MET B 399 2.63 -17.84 3.98
CA MET B 399 2.82 -17.83 2.52
C MET B 399 4.30 -17.87 2.13
N LEU B 400 5.12 -17.14 2.87
CA LEU B 400 6.56 -17.10 2.62
C LEU B 400 7.27 -18.39 3.08
N SER B 401 6.73 -19.08 4.07
CA SER B 401 7.25 -20.40 4.46
C SER B 401 7.05 -21.40 3.32
N ALA B 402 5.89 -21.35 2.66
CA ALA B 402 5.57 -22.26 1.55
C ALA B 402 6.27 -21.91 0.23
N GLU B 403 6.46 -20.61 -0.01
CA GLU B 403 7.12 -20.11 -1.22
C GLU B 403 8.08 -18.98 -0.83
N PRO B 404 9.26 -19.34 -0.29
CA PRO B 404 10.22 -18.37 0.25
C PRO B 404 10.82 -17.39 -0.73
N GLU B 405 10.73 -17.70 -2.02
CA GLU B 405 11.29 -16.83 -3.06
C GLU B 405 10.32 -15.76 -3.56
N LEU B 406 9.12 -15.68 -2.97
CA LEU B 406 8.14 -14.69 -3.40
C LEU B 406 8.73 -13.31 -3.25
N THR B 407 8.63 -12.51 -4.30
CA THR B 407 8.94 -11.11 -4.17
C THR B 407 7.73 -10.43 -3.48
N LEU B 408 7.91 -9.19 -3.05
CA LEU B 408 6.81 -8.42 -2.45
C LEU B 408 5.60 -8.23 -3.39
N ALA B 409 5.86 -7.94 -4.66
CA ALA B 409 4.79 -7.83 -5.65
C ALA B 409 4.05 -9.15 -5.82
N GLU B 410 4.78 -10.26 -5.87
CA GLU B 410 4.16 -11.58 -5.93
C GLU B 410 3.36 -11.91 -4.66
N LEU B 411 3.89 -11.54 -3.51
CA LEU B 411 3.17 -11.74 -2.26
C LEU B 411 1.90 -10.88 -2.18
N ARG B 412 2.00 -9.61 -2.55
CA ARG B 412 0.80 -8.73 -2.55
C ARG B 412 -0.26 -9.27 -3.50
N GLN B 413 0.15 -9.72 -4.69
CA GLN B 413 -0.83 -10.26 -5.66
C GLN B 413 -1.56 -11.49 -5.11
N ARG B 414 -0.84 -12.33 -4.39
CA ARG B 414 -1.44 -13.49 -3.72
C ARG B 414 -2.43 -13.10 -2.61
N LEU B 415 -2.02 -12.21 -1.70
CA LEU B 415 -2.92 -11.73 -0.64
C LEU B 415 -4.22 -11.19 -1.21
N ILE B 416 -4.11 -10.44 -2.32
CA ILE B 416 -5.31 -9.92 -3.02
C ILE B 416 -6.12 -11.07 -3.60
N HIS B 417 -5.46 -11.97 -4.32
CA HIS B 417 -6.16 -13.04 -5.02
C HIS B 417 -6.92 -13.95 -4.06
N PHE B 418 -6.29 -14.30 -2.94
CA PHE B 418 -6.88 -15.25 -1.99
C PHE B 418 -7.86 -14.66 -1.00
N SER B 419 -8.03 -13.33 -1.01
CA SER B 419 -9.00 -12.66 -0.15
C SER B 419 -10.42 -12.96 -0.56
N ALA B 420 -11.35 -12.82 0.40
CA ALA B 420 -12.79 -12.77 0.14
C ALA B 420 -13.13 -11.44 -0.51
N LYS B 421 -13.96 -11.49 -1.55
CA LYS B 421 -14.26 -10.31 -2.39
C LYS B 421 -15.70 -9.81 -2.19
N ASP B 422 -15.88 -8.50 -2.07
CA ASP B 422 -17.20 -7.85 -2.11
C ASP B 422 -18.14 -8.24 -0.96
N VAL B 423 -17.58 -8.43 0.24
CA VAL B 423 -18.38 -8.78 1.42
C VAL B 423 -18.61 -7.56 2.31
N ILE B 424 -17.84 -6.50 2.06
CA ILE B 424 -18.00 -5.25 2.80
C ILE B 424 -19.07 -4.38 2.11
N ASN B 425 -20.00 -3.86 2.93
CA ASN B 425 -20.96 -2.87 2.46
C ASN B 425 -20.26 -1.52 2.38
N GLU B 426 -19.93 -1.09 1.16
CA GLU B 426 -19.16 0.15 0.93
C GLU B 426 -19.83 1.45 1.40
N ALA B 427 -21.14 1.39 1.69
CA ALA B 427 -21.90 2.52 2.25
C ALA B 427 -21.32 3.04 3.56
N TRP B 428 -20.61 2.19 4.28
CA TRP B 428 -19.95 2.58 5.51
C TRP B 428 -18.89 3.66 5.25
N PHE B 429 -18.21 3.59 4.11
CA PHE B 429 -17.17 4.55 3.75
C PHE B 429 -17.79 5.83 3.20
N PRO B 430 -17.13 6.98 3.43
CA PRO B 430 -17.51 8.26 2.81
C PRO B 430 -17.65 8.08 1.30
N GLU B 431 -18.58 8.80 0.69
CA GLU B 431 -18.91 8.60 -0.74
C GLU B 431 -17.73 8.56 -1.71
N ASP B 432 -16.79 9.48 -1.58
CA ASP B 432 -15.71 9.59 -2.56
C ASP B 432 -14.59 8.58 -2.31
N GLN B 433 -14.69 7.85 -1.21
CA GLN B 433 -13.67 6.85 -0.85
C GLN B 433 -14.09 5.44 -1.30
N ARG B 434 -15.34 5.28 -1.72
CA ARG B 434 -15.88 3.97 -2.10
C ARG B 434 -15.19 3.31 -3.31
N VAL B 435 -14.91 4.08 -4.36
CA VAL B 435 -14.21 3.54 -5.53
C VAL B 435 -12.76 3.22 -5.19
N LEU B 436 -12.20 3.96 -4.23
CA LEU B 436 -10.78 3.87 -3.89
C LEU B 436 -10.46 2.76 -2.88
N THR B 437 -11.46 2.26 -2.17
CA THR B 437 -11.24 1.32 -1.08
C THR B 437 -11.44 -0.12 -1.55
N PRO B 438 -10.41 -0.95 -1.38
CA PRO B 438 -10.52 -2.36 -1.83
C PRO B 438 -11.53 -3.16 -1.01
N ASN B 439 -12.48 -3.81 -1.67
CA ASN B 439 -13.46 -4.62 -0.98
C ASN B 439 -12.89 -6.06 -0.89
N LEU B 440 -11.96 -6.22 0.05
CA LEU B 440 -11.14 -7.45 0.25
C LEU B 440 -10.99 -7.76 1.73
N VAL B 441 -11.31 -8.98 2.14
CA VAL B 441 -11.00 -9.44 3.51
C VAL B 441 -10.02 -10.61 3.43
N ALA B 442 -8.88 -10.45 4.09
CA ALA B 442 -7.76 -11.42 3.99
C ALA B 442 -8.17 -12.88 4.25
N ALA B 443 -7.54 -13.83 3.54
CA ALA B 443 -7.67 -15.26 3.88
C ALA B 443 -6.38 -15.95 3.49
N LEU B 444 -6.09 -17.07 4.17
CA LEU B 444 -4.99 -17.97 3.78
C LEU B 444 -5.27 -18.62 2.44
N PRO B 445 -4.20 -19.02 1.70
CA PRO B 445 -4.38 -19.71 0.42
C PRO B 445 -4.94 -21.11 0.64
N PRO B 446 -5.78 -21.59 -0.28
CA PRO B 446 -6.35 -22.94 -0.18
C PRO B 446 -5.31 -24.03 -0.41
N SER B 447 -5.67 -25.24 -0.01
CA SER B 447 -4.86 -26.44 -0.18
C SER B 447 -4.60 -26.73 -1.67
N THR B 448 -5.53 -26.29 -2.51
CA THR B 448 -5.45 -26.47 -3.96
C THR B 448 -4.30 -25.69 -4.61
N HIS B 449 -3.97 -24.53 -4.06
CA HIS B 449 -2.86 -23.70 -4.54
C HIS B 449 -1.51 -24.39 -4.31
N TRP B 453 1.11 -22.39 -13.21
CA TRP B 453 1.21 -20.93 -13.35
C TRP B 453 -0.14 -20.30 -13.68
N GLN B 454 -0.42 -19.14 -13.06
CA GLN B 454 -1.69 -18.41 -13.25
C GLN B 454 -1.45 -16.90 -13.37
N LEU B 455 -2.37 -16.21 -14.05
CA LEU B 455 -2.23 -14.77 -14.25
C LEU B 455 -2.79 -13.97 -13.08
N PHE B 456 -1.92 -13.26 -12.39
CA PHE B 456 -2.35 -12.40 -11.31
C PHE B 456 -2.34 -10.95 -11.80
N CYS B 457 -3.46 -10.26 -11.63
CA CYS B 457 -3.54 -8.80 -11.91
C CYS B 457 -4.15 -8.07 -10.72
N ARG B 458 -3.77 -6.81 -10.55
CA ARG B 458 -4.32 -5.94 -9.51
C ARG B 458 -4.56 -4.55 -10.08
N THR B 459 -5.52 -3.84 -9.48
CA THR B 459 -5.83 -2.48 -9.86
C THR B 459 -5.11 -1.52 -8.94
N VAL B 460 -4.42 -0.54 -9.53
CA VAL B 460 -3.67 0.49 -8.83
C VAL B 460 -4.27 1.90 -9.15
N TRP B 461 -4.83 2.57 -8.14
CA TRP B 461 -5.32 3.94 -8.32
C TRP B 461 -4.23 4.89 -8.00
N SER B 462 -4.08 5.94 -8.81
CA SER B 462 -3.07 6.95 -8.53
C SER B 462 -3.60 7.89 -7.46
N ALA B 463 -2.71 8.70 -6.89
CA ALA B 463 -3.12 9.92 -6.18
C ALA B 463 -3.89 10.79 -7.16
N HIS B 464 -4.89 11.51 -6.66
CA HIS B 464 -5.58 12.56 -7.43
C HIS B 464 -4.55 13.54 -8.03
N SER B 465 -4.76 13.93 -9.28
CA SER B 465 -3.84 14.83 -10.00
C SER B 465 -3.78 16.26 -9.48
N GLY B 466 -4.86 16.69 -8.83
CA GLY B 466 -4.99 18.09 -8.41
C GLY B 466 -5.56 18.86 -9.58
N PRO B 467 -5.99 20.12 -9.32
CA PRO B 467 -6.77 20.91 -10.28
C PRO B 467 -5.99 21.62 -11.41
N THR B 468 -4.67 21.56 -11.41
CA THR B 468 -3.91 22.30 -12.43
C THR B 468 -4.34 21.96 -13.86
N ARG B 469 -4.32 22.98 -14.72
CA ARG B 469 -4.90 22.91 -16.08
C ARG B 469 -4.20 21.89 -16.97
N MET B 470 -2.95 21.58 -16.64
CA MET B 470 -2.17 20.55 -17.33
C MET B 470 -1.76 19.41 -16.37
N ALA B 471 -2.58 19.20 -15.33
CA ALA B 471 -2.33 18.19 -14.30
C ALA B 471 -2.27 16.81 -14.91
N THR B 472 -1.33 16.01 -14.43
CA THR B 472 -1.28 14.59 -14.77
C THR B 472 -1.17 13.75 -13.50
N ALA B 473 -1.98 12.68 -13.48
CA ALA B 473 -1.89 11.62 -12.49
C ALA B 473 -1.14 10.41 -13.08
N ILE B 474 -0.31 9.76 -12.27
CA ILE B 474 0.47 8.60 -12.72
C ILE B 474 0.20 7.41 -11.79
N ALA B 475 -0.19 6.28 -12.40
CA ALA B 475 -0.29 5.01 -11.69
C ALA B 475 0.83 4.10 -12.19
N ARG B 476 1.66 3.62 -11.27
CA ARG B 476 2.80 2.78 -11.61
C ARG B 476 2.66 1.36 -11.08
N CYS B 477 3.23 0.40 -11.81
CA CYS B 477 3.34 -0.97 -11.37
C CYS B 477 4.68 -1.22 -10.69
N ALA B 478 4.82 -2.36 -10.02
CA ALA B 478 6.09 -2.75 -9.41
C ALA B 478 7.09 -3.22 -10.47
N PRO B 479 8.39 -3.25 -10.14
CA PRO B 479 9.43 -3.55 -11.13
C PRO B 479 9.24 -4.90 -11.80
N ASP B 480 8.70 -5.89 -11.08
CA ASP B 480 8.48 -7.20 -11.68
C ASP B 480 7.05 -7.41 -12.20
N GLU B 481 6.28 -6.34 -12.30
CA GLU B 481 4.93 -6.38 -12.88
C GLU B 481 4.92 -5.73 -14.26
N GLU B 482 3.91 -6.06 -15.06
CA GLU B 482 3.70 -5.42 -16.35
C GLU B 482 2.40 -4.65 -16.27
N LEU B 483 2.37 -3.48 -16.92
CA LEU B 483 1.17 -2.68 -17.03
C LEU B 483 0.41 -3.19 -18.22
N LEU B 484 -0.75 -3.79 -18.00
CA LEU B 484 -1.54 -4.37 -19.08
C LEU B 484 -2.65 -3.51 -19.61
N SER B 485 -3.06 -2.53 -18.80
CA SER B 485 -4.07 -1.58 -19.22
C SER B 485 -4.05 -0.35 -18.34
N CYS B 486 -4.82 0.64 -18.75
CA CYS B 486 -4.77 1.95 -18.14
C CYS B 486 -6.11 2.60 -18.37
N SER B 487 -6.76 3.02 -17.28
CA SER B 487 -8.01 3.76 -17.41
C SER B 487 -7.94 5.00 -16.53
N SER B 488 -9.03 5.75 -16.49
CA SER B 488 -9.05 7.00 -15.70
C SER B 488 -10.45 7.32 -15.23
N PHE B 489 -10.53 8.23 -14.25
CA PHE B 489 -11.79 8.54 -13.59
C PHE B 489 -11.76 9.97 -13.06
N SER B 490 -12.90 10.63 -13.21
CA SER B 490 -13.15 11.95 -12.64
C SER B 490 -14.60 11.95 -12.17
N ARG B 491 -14.83 12.44 -10.96
CA ARG B 491 -16.18 12.44 -10.39
C ARG B 491 -17.08 13.44 -11.09
N SER B 492 -16.49 14.52 -11.61
CA SER B 492 -17.24 15.51 -12.40
C SER B 492 -17.37 15.14 -13.90
N GLY B 493 -16.46 14.31 -14.42
CA GLY B 493 -16.49 13.92 -15.82
C GLY B 493 -15.62 14.82 -16.68
N LYS B 494 -15.00 15.82 -16.04
CA LYS B 494 -14.12 16.74 -16.73
C LYS B 494 -12.72 16.16 -16.83
N ARG B 495 -12.51 15.38 -17.88
CA ARG B 495 -11.26 14.63 -18.08
C ARG B 495 -10.83 14.61 -19.55
N ARG B 496 -9.52 14.49 -19.77
CA ARG B 496 -8.96 14.34 -21.13
C ARG B 496 -8.42 12.91 -21.36
N GLY B 497 -8.92 11.95 -20.59
CA GLY B 497 -8.60 10.53 -20.74
C GLY B 497 -7.20 10.17 -20.29
N GLU B 498 -6.64 9.13 -20.91
CA GLU B 498 -5.39 8.57 -20.42
C GLU B 498 -4.59 7.92 -21.52
N ARG B 499 -3.30 7.72 -21.24
CA ARG B 499 -2.39 7.05 -22.16
C ARG B 499 -1.38 6.25 -21.37
N MET B 500 -0.91 5.16 -21.97
CA MET B 500 0.20 4.39 -21.46
C MET B 500 1.44 4.92 -22.15
N GLU B 501 2.47 5.23 -21.37
CA GLU B 501 3.73 5.74 -21.92
C GLU B 501 4.93 5.33 -21.07
N ALA B 502 6.10 5.25 -21.69
CA ALA B 502 7.31 4.72 -21.02
C ALA B 502 8.07 5.76 -20.19
N GLN B 503 8.57 5.32 -19.03
CA GLN B 503 9.15 6.23 -18.06
C GLN B 503 10.29 5.56 -17.29
N GLY B 504 11.53 5.86 -17.68
CA GLY B 504 12.71 5.19 -17.14
C GLY B 504 12.78 3.75 -17.57
N GLY B 505 12.33 3.47 -18.80
CA GLY B 505 12.31 2.13 -19.37
C GLY B 505 11.16 1.25 -18.92
N LYS B 506 10.09 1.87 -18.42
CA LYS B 506 8.93 1.12 -17.92
C LYS B 506 7.63 1.85 -18.23
N LEU B 507 6.64 1.11 -18.73
CA LEU B 507 5.34 1.70 -19.05
C LEU B 507 4.57 2.12 -17.79
N VAL B 508 4.13 3.38 -17.76
CA VAL B 508 3.23 3.90 -16.72
C VAL B 508 1.88 4.28 -17.30
N CYS B 509 0.92 4.45 -16.40
CA CYS B 509 -0.42 4.87 -16.76
C CYS B 509 -0.55 6.35 -16.38
N ARG B 510 -0.72 7.21 -17.39
CA ARG B 510 -0.83 8.66 -17.14
C ARG B 510 -2.20 9.16 -17.54
N ALA B 511 -2.87 9.85 -16.63
CA ALA B 511 -4.20 10.43 -16.87
C ALA B 511 -4.16 11.96 -16.93
N HIS B 512 -5.04 12.53 -17.75
CA HIS B 512 -5.01 13.95 -18.04
C HIS B 512 -6.22 14.69 -17.51
N ASN B 513 -5.96 15.66 -16.64
CA ASN B 513 -6.98 16.61 -16.20
C ASN B 513 -7.47 17.40 -17.41
N ALA B 514 -8.77 17.70 -17.45
CA ALA B 514 -9.29 18.66 -18.41
C ALA B 514 -8.84 20.04 -17.97
N PHE B 515 -8.73 20.97 -18.92
CA PHE B 515 -8.37 22.34 -18.60
C PHE B 515 -9.14 22.88 -17.37
N GLY B 516 -10.48 22.80 -17.42
CA GLY B 516 -11.33 23.30 -16.34
C GLY B 516 -11.85 22.28 -15.33
N GLY B 517 -11.08 21.21 -15.09
CA GLY B 517 -11.46 20.16 -14.14
C GLY B 517 -10.79 20.27 -12.77
N GLU B 518 -11.35 19.55 -11.81
CA GLU B 518 -10.85 19.49 -10.43
C GLU B 518 -9.67 18.51 -10.27
N GLY B 519 -9.48 17.66 -11.27
CA GLY B 519 -8.40 16.68 -11.25
C GLY B 519 -8.92 15.32 -11.63
N VAL B 520 -7.99 14.39 -11.84
CA VAL B 520 -8.35 13.04 -12.27
C VAL B 520 -7.52 11.99 -11.55
N TYR B 521 -7.98 10.74 -11.66
CA TYR B 521 -7.21 9.57 -11.24
C TYR B 521 -6.79 8.76 -12.45
N ALA B 522 -5.54 8.33 -12.46
CA ALA B 522 -5.09 7.26 -13.33
C ALA B 522 -5.28 5.92 -12.59
N ILE B 523 -5.76 4.91 -13.32
CA ILE B 523 -6.06 3.58 -12.80
C ILE B 523 -5.31 2.52 -13.65
N ALA B 524 -4.25 1.94 -13.08
CA ALA B 524 -3.44 0.95 -13.75
C ALA B 524 -3.92 -0.47 -13.45
N ARG B 525 -3.83 -1.34 -14.44
CA ARG B 525 -3.95 -2.77 -14.23
C ARG B 525 -2.55 -3.40 -14.33
N CYS B 526 -2.01 -3.81 -13.18
CA CYS B 526 -0.63 -4.30 -13.03
C CYS B 526 -0.65 -5.81 -12.80
N CYS B 527 0.09 -6.54 -13.63
CA CYS B 527 0.00 -7.99 -13.66
C CYS B 527 1.35 -8.70 -13.57
N LEU B 528 1.35 -9.93 -13.08
CA LEU B 528 2.57 -10.73 -13.06
C LEU B 528 2.58 -11.59 -14.32
N LEU B 529 3.49 -11.26 -15.22
CA LEU B 529 3.56 -11.90 -16.52
C LEU B 529 5.03 -12.03 -16.89
N PRO B 530 5.67 -13.13 -16.46
CA PRO B 530 7.11 -13.24 -16.68
C PRO B 530 7.41 -13.43 -18.17
N GLN B 531 6.66 -14.32 -18.82
CA GLN B 531 6.87 -14.71 -20.22
C GLN B 531 6.74 -13.58 -21.25
N ALA B 532 6.24 -12.44 -20.81
CA ALA B 532 5.75 -11.40 -21.72
C ALA B 532 6.80 -10.40 -22.17
N ASN B 533 6.64 -9.98 -23.42
CA ASN B 533 7.24 -8.77 -23.94
C ASN B 533 6.06 -7.89 -24.32
N CYS B 534 5.90 -6.75 -23.64
CA CYS B 534 4.74 -5.88 -23.86
C CYS B 534 5.13 -4.54 -24.46
N SER B 535 4.27 -4.05 -25.35
CA SER B 535 4.53 -2.81 -26.03
C SER B 535 3.24 -1.99 -26.15
N VAL B 536 3.37 -0.70 -26.46
CA VAL B 536 2.19 0.12 -26.73
C VAL B 536 2.19 0.49 -28.22
N HIS B 537 1.00 0.48 -28.84
CA HIS B 537 0.81 0.97 -30.21
C HIS B 537 -0.15 2.17 -30.15
N THR B 538 0.31 3.33 -30.59
CA THR B 538 -0.46 4.57 -30.49
C THR B 538 -0.84 5.13 -31.88
N ALA B 539 -2.07 5.62 -31.99
CA ALA B 539 -2.46 6.40 -33.20
C ALA B 539 -3.13 7.72 -32.81
N PRO B 540 -2.70 8.84 -33.44
CA PRO B 540 -3.24 10.15 -33.12
C PRO B 540 -4.63 10.30 -33.75
N PRO B 541 -5.36 11.39 -33.45
CA PRO B 541 -6.71 11.56 -33.98
C PRO B 541 -6.76 11.43 -35.51
N ALA B 542 -7.82 10.80 -35.99
CA ALA B 542 -7.85 10.31 -37.37
C ALA B 542 -8.56 11.26 -38.32
N GLU B 543 -8.80 10.80 -39.55
CA GLU B 543 -9.80 11.42 -40.42
C GLU B 543 -11.20 11.30 -39.78
N ALA B 544 -12.24 11.36 -40.60
CA ALA B 544 -13.59 11.46 -40.07
C ALA B 544 -14.21 10.12 -39.65
N SER B 545 -15.04 9.58 -40.54
CA SER B 545 -15.98 8.50 -40.23
C SER B 545 -15.39 7.31 -39.48
N MET B 546 -14.26 6.80 -39.97
CA MET B 546 -13.71 5.52 -39.51
C MET B 546 -13.50 5.42 -37.98
N GLY B 547 -13.13 6.54 -37.36
CA GLY B 547 -12.73 6.58 -35.94
C GLY B 547 -11.22 6.49 -35.85
N THR B 548 -10.68 6.59 -34.63
CA THR B 548 -9.25 6.41 -34.42
C THR B 548 -8.97 4.98 -33.98
N ARG B 549 -8.18 4.25 -34.78
CA ARG B 549 -7.95 2.82 -34.58
C ARG B 549 -6.48 2.44 -34.60
N VAL B 550 -6.10 1.51 -33.73
CA VAL B 550 -4.82 0.81 -33.77
C VAL B 550 -5.05 -0.65 -33.48
N HIS B 551 -4.15 -1.50 -33.96
CA HIS B 551 -4.21 -2.92 -33.64
C HIS B 551 -2.81 -3.49 -33.37
N CYS B 552 -2.77 -4.63 -32.70
CA CYS B 552 -1.53 -5.37 -32.47
C CYS B 552 -1.25 -6.20 -33.73
N HIS B 553 -0.56 -5.56 -34.68
CA HIS B 553 -0.34 -6.13 -36.03
C HIS B 553 0.45 -7.43 -36.06
N GLN B 554 1.45 -7.55 -35.19
CA GLN B 554 2.32 -8.73 -35.17
C GLN B 554 1.66 -9.96 -34.53
N GLN B 555 2.37 -11.08 -34.52
CA GLN B 555 1.88 -12.25 -33.80
C GLN B 555 2.85 -12.75 -32.72
N GLY B 556 2.38 -13.74 -31.97
CA GLY B 556 2.80 -13.94 -30.58
C GLY B 556 2.01 -12.98 -29.69
N HIS B 557 1.28 -12.04 -30.31
CA HIS B 557 0.75 -10.85 -29.62
C HIS B 557 -0.74 -10.79 -29.36
N VAL B 558 -1.05 -10.64 -28.08
CA VAL B 558 -2.44 -10.44 -27.63
C VAL B 558 -2.64 -8.99 -27.18
N LEU B 559 -3.80 -8.43 -27.52
CA LEU B 559 -4.23 -7.16 -26.98
C LEU B 559 -4.71 -7.35 -25.53
N THR B 560 -4.09 -6.62 -24.60
CA THR B 560 -4.48 -6.70 -23.18
C THR B 560 -5.25 -5.48 -22.64
N GLY B 561 -5.21 -4.36 -23.36
CA GLY B 561 -5.78 -3.10 -22.87
C GLY B 561 -5.89 -2.03 -23.93
N CYS B 562 -6.92 -1.19 -23.84
CA CYS B 562 -7.10 -0.02 -24.72
C CYS B 562 -7.24 1.24 -23.87
N SER B 563 -6.53 2.30 -24.26
CA SER B 563 -6.62 3.61 -23.62
C SER B 563 -6.89 4.65 -24.70
N SER B 564 -7.26 5.86 -24.28
CA SER B 564 -7.50 6.96 -25.22
C SER B 564 -7.43 8.29 -24.48
N HIS B 565 -6.70 9.24 -25.07
CA HIS B 565 -6.66 10.60 -24.54
C HIS B 565 -6.92 11.62 -25.65
N TRP B 566 -7.28 12.83 -25.24
CA TRP B 566 -7.60 13.89 -26.18
C TRP B 566 -7.07 15.24 -25.71
N GLU B 567 -6.80 16.10 -26.69
CA GLU B 567 -6.24 17.42 -26.46
C GLU B 567 -7.37 18.46 -26.41
N VAL B 568 -8.45 18.16 -27.12
CA VAL B 568 -9.64 19.01 -27.20
C VAL B 568 -10.25 19.29 -25.83
N GLU B 569 -10.75 20.52 -25.66
CA GLU B 569 -11.46 20.92 -24.44
C GLU B 569 -12.70 20.05 -24.21
N ASP B 570 -13.42 19.75 -25.29
CA ASP B 570 -14.71 19.08 -25.26
C ASP B 570 -14.92 18.31 -26.57
N LEU B 571 -15.34 17.05 -26.45
CA LEU B 571 -15.46 16.14 -27.60
C LEU B 571 -16.73 16.38 -28.42
N GLY B 572 -16.55 16.54 -29.73
CA GLY B 572 -17.66 16.79 -30.65
C GLY B 572 -18.03 15.54 -31.43
N PRO B 585 -10.64 -7.91 -34.12
CA PRO B 585 -9.77 -8.62 -33.19
C PRO B 585 -8.42 -7.95 -33.00
N ASN B 586 -7.95 -7.94 -31.74
CA ASN B 586 -6.72 -7.27 -31.34
C ASN B 586 -6.66 -5.80 -31.74
N GLN B 587 -7.82 -5.16 -31.89
CA GLN B 587 -7.82 -3.74 -32.20
C GLN B 587 -8.63 -2.87 -31.24
N CYS B 588 -8.18 -1.63 -31.08
CA CYS B 588 -8.85 -0.65 -30.23
C CYS B 588 -9.44 0.45 -31.09
N VAL B 589 -10.61 0.95 -30.70
CA VAL B 589 -11.23 2.07 -31.40
C VAL B 589 -11.61 3.21 -30.43
N GLY B 590 -11.31 4.44 -30.82
CA GLY B 590 -11.69 5.62 -30.04
C GLY B 590 -12.46 6.68 -30.84
N HIS B 591 -12.81 7.78 -30.16
CA HIS B 591 -13.42 8.95 -30.80
C HIS B 591 -12.47 9.55 -31.84
N ARG B 592 -13.06 10.07 -32.93
CA ARG B 592 -12.32 10.64 -34.07
C ARG B 592 -11.32 11.70 -33.68
N GLU B 593 -11.58 12.40 -32.58
CA GLU B 593 -10.75 13.52 -32.13
C GLU B 593 -9.76 13.10 -31.06
N ALA B 594 -9.75 11.80 -30.74
CA ALA B 594 -8.89 11.27 -29.68
C ALA B 594 -7.73 10.41 -30.20
N SER B 595 -6.60 10.43 -29.48
CA SER B 595 -5.55 9.44 -29.72
C SER B 595 -5.98 8.08 -29.13
N ILE B 596 -5.48 7.00 -29.70
CA ILE B 596 -5.81 5.68 -29.20
C ILE B 596 -4.55 4.90 -28.90
N HIS B 597 -4.56 4.13 -27.80
CA HIS B 597 -3.36 3.42 -27.34
C HIS B 597 -3.68 1.97 -27.03
N ALA B 598 -2.94 1.05 -27.63
CA ALA B 598 -3.19 -0.38 -27.41
C ALA B 598 -2.01 -0.99 -26.68
N SER B 599 -2.28 -1.72 -25.60
CA SER B 599 -1.24 -2.51 -24.96
C SER B 599 -1.19 -3.87 -25.62
N CYS B 600 -0.04 -4.21 -26.19
CA CYS B 600 0.13 -5.45 -26.91
C CYS B 600 1.21 -6.26 -26.25
N CYS B 601 0.94 -7.52 -25.96
CA CYS B 601 1.94 -8.35 -25.31
C CYS B 601 2.22 -9.62 -26.10
N HIS B 602 3.50 -9.93 -26.26
CA HIS B 602 3.91 -11.22 -26.77
C HIS B 602 3.91 -12.16 -25.56
N ALA B 603 2.92 -13.03 -25.50
CA ALA B 603 2.77 -13.98 -24.41
C ALA B 603 2.10 -15.20 -25.00
N PRO B 604 2.90 -16.13 -25.56
CA PRO B 604 2.37 -17.28 -26.28
C PRO B 604 1.58 -18.20 -25.35
N GLY B 605 1.92 -18.18 -24.06
CA GLY B 605 1.16 -18.94 -23.05
C GLY B 605 -0.25 -18.45 -22.74
N LEU B 606 -0.60 -17.24 -23.18
CA LEU B 606 -1.87 -16.59 -22.81
C LEU B 606 -2.93 -16.64 -23.89
N GLU B 607 -4.18 -16.89 -23.51
CA GLU B 607 -5.31 -16.64 -24.40
C GLU B 607 -6.22 -15.53 -23.84
N CYS B 608 -6.64 -14.61 -24.71
CA CYS B 608 -7.51 -13.51 -24.31
C CYS B 608 -8.81 -13.44 -25.11
N LYS B 609 -9.88 -13.00 -24.45
CA LYS B 609 -11.18 -12.75 -25.08
C LYS B 609 -11.75 -11.38 -24.65
N VAL B 610 -12.68 -10.85 -25.44
CA VAL B 610 -13.30 -9.55 -25.16
C VAL B 610 -14.79 -9.76 -24.89
N LYS B 611 -15.27 -9.22 -23.78
CA LYS B 611 -16.63 -9.41 -23.36
C LYS B 611 -17.25 -8.03 -23.16
N GLU B 612 -18.39 -7.78 -23.78
CA GLU B 612 -19.01 -6.46 -23.65
C GLU B 612 -20.46 -6.49 -23.14
N HIS B 613 -20.89 -5.37 -22.59
CA HIS B 613 -22.26 -5.22 -22.13
C HIS B 613 -22.66 -3.75 -22.25
N GLY B 614 -23.77 -3.51 -22.96
CA GLY B 614 -24.34 -2.19 -23.09
C GLY B 614 -25.77 -2.21 -22.59
N ILE B 615 -26.17 -1.12 -21.94
CA ILE B 615 -27.53 -1.00 -21.40
C ILE B 615 -28.13 0.38 -21.74
N PRO B 616 -29.43 0.43 -22.10
CA PRO B 616 -30.22 1.68 -22.20
C PRO B 616 -29.85 2.78 -21.19
N ALA B 617 -29.72 4.00 -21.70
CA ALA B 617 -29.11 5.17 -21.01
C ALA B 617 -29.17 5.34 -19.46
N PRO B 618 -30.39 5.49 -18.86
CA PRO B 618 -30.54 6.06 -17.50
C PRO B 618 -29.61 5.58 -16.35
N GLN B 619 -28.78 4.56 -16.61
CA GLN B 619 -27.92 3.94 -15.58
C GLN B 619 -26.60 4.67 -15.27
N GLU B 620 -26.37 4.94 -13.98
CA GLU B 620 -25.16 5.63 -13.52
C GLU B 620 -23.91 4.73 -13.51
N GLN B 621 -24.12 3.45 -13.79
CA GLN B 621 -23.06 2.44 -13.74
C GLN B 621 -23.45 1.22 -14.57
N VAL B 622 -22.55 0.82 -15.47
CA VAL B 622 -22.67 -0.43 -16.25
C VAL B 622 -21.46 -1.28 -15.95
N THR B 623 -21.66 -2.59 -15.85
CA THR B 623 -20.59 -3.51 -15.46
C THR B 623 -20.62 -4.78 -16.31
N VAL B 624 -19.44 -5.35 -16.53
CA VAL B 624 -19.29 -6.65 -17.20
C VAL B 624 -18.13 -7.41 -16.54
N ALA B 625 -18.35 -8.68 -16.26
CA ALA B 625 -17.41 -9.52 -15.51
C ALA B 625 -16.82 -10.62 -16.36
N CYS B 626 -15.52 -10.91 -16.18
CA CYS B 626 -14.88 -12.06 -16.81
C CYS B 626 -15.42 -13.36 -16.21
N GLU B 627 -15.32 -14.45 -16.97
CA GLU B 627 -15.78 -15.75 -16.46
C GLU B 627 -14.85 -16.21 -15.36
N GLU B 628 -15.35 -17.09 -14.49
CA GLU B 628 -14.55 -17.67 -13.41
C GLU B 628 -13.36 -18.38 -14.01
N GLY B 629 -12.20 -18.17 -13.40
CA GLY B 629 -10.94 -18.68 -13.93
C GLY B 629 -10.21 -17.75 -14.90
N TRP B 630 -10.86 -16.68 -15.34
CA TRP B 630 -10.20 -15.71 -16.23
C TRP B 630 -9.80 -14.46 -15.42
N THR B 631 -8.76 -13.76 -15.87
CA THR B 631 -8.33 -12.55 -15.21
C THR B 631 -8.59 -11.33 -16.07
N LEU B 632 -9.32 -10.35 -15.53
CA LEU B 632 -9.53 -9.07 -16.22
C LEU B 632 -8.20 -8.36 -16.38
N THR B 633 -7.82 -8.08 -17.62
CA THR B 633 -6.60 -7.31 -17.89
C THR B 633 -6.88 -5.89 -18.31
N GLY B 634 -8.07 -5.66 -18.89
CA GLY B 634 -8.42 -4.35 -19.43
C GLY B 634 -9.89 -4.04 -19.28
N CYS B 635 -10.19 -2.80 -18.91
CA CYS B 635 -11.58 -2.32 -18.74
C CYS B 635 -11.75 -0.93 -19.36
N SER B 636 -12.73 -0.78 -20.24
CA SER B 636 -13.00 0.52 -20.87
C SER B 636 -14.46 0.67 -21.28
N ALA B 637 -14.84 1.90 -21.63
CA ALA B 637 -16.14 2.16 -22.21
C ALA B 637 -16.05 2.24 -23.73
N LEU B 638 -17.06 1.74 -24.41
CA LEU B 638 -17.20 1.93 -25.85
C LEU B 638 -17.45 3.42 -26.14
N PRO B 639 -16.70 4.00 -27.10
CA PRO B 639 -16.72 5.45 -27.37
C PRO B 639 -18.03 5.99 -27.91
N GLY B 640 -18.94 5.09 -28.29
CA GLY B 640 -20.30 5.45 -28.72
C GLY B 640 -21.18 5.93 -27.58
N THR B 641 -20.71 6.95 -26.86
CA THR B 641 -21.44 7.56 -25.75
C THR B 641 -21.19 9.08 -25.76
N SER B 642 -21.21 9.73 -24.60
CA SER B 642 -20.88 11.18 -24.51
C SER B 642 -20.96 11.77 -23.08
N HIS B 643 -20.91 10.90 -22.06
CA HIS B 643 -21.15 11.32 -20.67
C HIS B 643 -20.46 10.39 -19.66
N VAL B 644 -19.28 9.92 -20.02
CA VAL B 644 -18.55 8.98 -19.20
C VAL B 644 -17.68 9.71 -18.18
N LEU B 645 -17.80 9.29 -16.92
CA LEU B 645 -16.98 9.82 -15.84
C LEU B 645 -15.69 9.04 -15.79
N GLY B 646 -15.77 7.77 -16.17
CA GLY B 646 -14.59 6.93 -16.23
C GLY B 646 -14.92 5.45 -16.23
N ALA B 647 -13.87 4.66 -16.04
CA ALA B 647 -13.97 3.20 -16.03
C ALA B 647 -12.86 2.61 -15.18
N TYR B 648 -13.14 1.48 -14.53
CA TYR B 648 -12.16 0.83 -13.63
C TYR B 648 -12.48 -0.64 -13.42
N ALA B 649 -11.42 -1.42 -13.28
CA ALA B 649 -11.52 -2.82 -12.91
C ALA B 649 -11.73 -2.90 -11.41
N VAL B 650 -12.67 -3.73 -11.00
CA VAL B 650 -12.89 -4.04 -9.59
C VAL B 650 -12.78 -5.56 -9.57
N ASP B 651 -11.65 -6.08 -9.09
CA ASP B 651 -11.35 -7.53 -9.16
C ASP B 651 -11.42 -8.03 -10.62
N ASN B 652 -12.36 -8.90 -10.97
CA ASN B 652 -12.51 -9.31 -12.39
C ASN B 652 -13.71 -8.73 -13.12
N THR B 653 -14.23 -7.62 -12.58
CA THR B 653 -15.39 -6.93 -13.12
C THR B 653 -15.01 -5.54 -13.62
N CYS B 654 -15.37 -5.24 -14.88
CA CYS B 654 -15.16 -3.91 -15.45
C CYS B 654 -16.35 -2.99 -15.12
N VAL B 655 -16.06 -1.84 -14.52
CA VAL B 655 -17.11 -0.86 -14.20
C VAL B 655 -17.01 0.40 -15.05
N VAL B 656 -18.10 0.73 -15.74
CA VAL B 656 -18.17 2.01 -16.43
C VAL B 656 -19.15 2.95 -15.73
N ARG B 657 -18.70 4.17 -15.43
CA ARG B 657 -19.51 5.16 -14.72
C ARG B 657 -19.88 6.34 -15.63
N SER B 658 -21.18 6.58 -15.74
CA SER B 658 -21.72 7.69 -16.56
C SER B 658 -22.56 8.66 -15.73
N ARG B 659 -22.76 9.88 -16.25
CA ARG B 659 -23.51 10.93 -15.52
C ARG B 659 -25.03 10.77 -15.68
N SER B 668 -33.55 9.17 -29.47
CA SER B 668 -32.40 8.72 -28.69
C SER B 668 -32.79 7.79 -27.55
N GLU B 669 -32.12 6.64 -27.52
CA GLU B 669 -32.19 5.67 -26.43
C GLU B 669 -30.78 5.05 -26.33
N GLU B 670 -29.77 5.93 -26.33
CA GLU B 670 -28.37 5.52 -26.53
C GLU B 670 -27.82 4.65 -25.39
N ALA B 671 -26.96 3.71 -25.74
CA ALA B 671 -26.38 2.79 -24.77
C ALA B 671 -25.02 3.25 -24.26
N VAL B 672 -24.75 2.95 -22.99
CA VAL B 672 -23.41 3.01 -22.43
C VAL B 672 -22.92 1.56 -22.45
N THR B 673 -21.69 1.34 -22.89
CA THR B 673 -21.16 -0.02 -23.02
C THR B 673 -19.85 -0.25 -22.26
N ALA B 674 -19.85 -1.24 -21.36
CA ALA B 674 -18.64 -1.73 -20.70
C ALA B 674 -17.95 -2.80 -21.55
N VAL B 675 -16.63 -2.75 -21.60
CA VAL B 675 -15.83 -3.66 -22.43
C VAL B 675 -14.66 -4.20 -21.63
N ALA B 676 -14.71 -5.51 -21.36
CA ALA B 676 -13.73 -6.20 -20.54
C ALA B 676 -12.86 -7.04 -21.43
N ILE B 677 -11.54 -6.92 -21.26
CA ILE B 677 -10.59 -7.83 -21.88
C ILE B 677 -10.13 -8.83 -20.81
N CYS B 678 -10.40 -10.11 -21.06
CA CYS B 678 -10.17 -11.18 -20.09
C CYS B 678 -9.14 -12.18 -20.63
N CYS B 679 -8.11 -12.49 -19.84
CA CYS B 679 -7.06 -13.42 -20.26
C CYS B 679 -6.83 -14.56 -19.25
N ARG B 680 -6.36 -15.71 -19.75
CA ARG B 680 -5.95 -16.80 -18.87
C ARG B 680 -4.69 -17.51 -19.39
N SER B 681 -3.99 -18.17 -18.48
CA SER B 681 -2.90 -19.08 -18.83
C SER B 681 -3.44 -20.31 -19.56
N ARG B 682 -2.68 -20.78 -20.55
CA ARG B 682 -2.92 -22.12 -21.10
C ARG B 682 -1.99 -23.11 -20.40
HG HG C . 4.82 14.53 10.86
HG HG D . 3.46 13.66 11.81
#